data_8QCD
#
_entry.id   8QCD
#
_cell.length_a   46.338
_cell.length_b   47.701
_cell.length_c   50.342
_cell.angle_alpha   113.480
_cell.angle_beta   90.450
_cell.angle_gamma   90.170
#
_symmetry.space_group_name_H-M   'P 1'
#
loop_
_entity.id
_entity.type
_entity.pdbx_description
1 polymer "Casein kinase II subunit alpha'"
2 non-polymer 1,2-ETHANEDIOL
3 non-polymer 4,5,6,7-TETRABROMOBENZOTRIAZOLE
4 water water
#
_entity_poly.entity_id   1
_entity_poly.type   'polypeptide(L)'
_entity_poly.pdbx_seq_one_letter_code
;MGSSHHHHHHSQDPMPGPAAGSRARVYAEVNSLRSREYWDYEAHVPSWGNQDDYQLVRKLGRGKYSEVFEAINITNNERV
VVKILKPVKKKKIKREVKILENLRGGTNIIKLIDTVKDPVSKTPALVFEYINNTDFKQLYQILTDFDIRFYMYELLKALD
YCHSKGIMHRDVKPHNVMIDHQQKKLRLIDWGLAEFYHPAQEYNVRVASRYFKGPELLVDYQMYDYSLDMWSLGCMLASM
IFRREPFFHGQDNYDQLVRIAKVLGTEELYGYLKKYHIDLDPHFNDILGQHSRKRWENFIHSENRHLVSPEALDLLDKLL
RYDHQQRLTAKEAMEHPYFYPVVKEQSQPSADNAVLSSGLTAAR
;
_entity_poly.pdbx_strand_id   A
#
# COMPACT_ATOMS: atom_id res chain seq x y z
N GLY A 21 -12.57 -21.08 2.13
CA GLY A 21 -11.32 -20.73 1.49
C GLY A 21 -11.47 -19.58 0.50
N SER A 22 -10.33 -19.00 0.15
CA SER A 22 -10.27 -17.86 -0.76
C SER A 22 -8.93 -17.89 -1.46
N ARG A 23 -8.89 -17.45 -2.70
N ARG A 23 -8.93 -17.37 -2.70
CA ARG A 23 -7.62 -17.15 -3.33
CA ARG A 23 -7.77 -17.27 -3.58
C ARG A 23 -7.74 -15.94 -4.24
C ARG A 23 -7.78 -15.94 -4.31
N ALA A 24 -6.60 -15.40 -4.59
CA ALA A 24 -6.50 -14.26 -5.48
C ALA A 24 -7.08 -14.62 -6.84
N ARG A 25 -7.72 -13.63 -7.49
CA ARG A 25 -8.23 -13.80 -8.85
C ARG A 25 -7.14 -13.65 -9.90
N VAL A 26 -6.03 -13.04 -9.53
CA VAL A 26 -4.93 -12.82 -10.46
C VAL A 26 -3.67 -13.21 -9.75
N TYR A 27 -2.71 -13.67 -10.53
N TYR A 27 -2.70 -13.70 -10.51
CA TYR A 27 -1.37 -13.92 -10.03
CA TYR A 27 -1.37 -13.98 -10.01
C TYR A 27 -1.38 -14.94 -8.88
C TYR A 27 -1.41 -14.95 -8.84
N ALA A 28 -2.38 -15.84 -8.83
CA ALA A 28 -2.52 -16.68 -7.66
C ALA A 28 -1.35 -17.65 -7.52
N GLU A 29 -0.93 -18.26 -8.62
CA GLU A 29 0.07 -19.31 -8.59
C GLU A 29 1.41 -18.81 -9.03
N VAL A 30 1.58 -17.50 -9.15
CA VAL A 30 2.76 -17.00 -9.83
C VAL A 30 4.03 -17.40 -9.08
N ASN A 31 4.03 -17.41 -7.75
CA ASN A 31 5.24 -17.79 -7.05
C ASN A 31 5.51 -19.27 -7.19
N SER A 32 4.46 -20.09 -7.18
CA SER A 32 4.66 -21.52 -7.34
C SER A 32 5.23 -21.86 -8.69
N LEU A 33 5.01 -21.02 -9.69
CA LEU A 33 5.51 -21.25 -11.03
C LEU A 33 6.94 -20.75 -11.20
N ARG A 34 7.50 -20.08 -10.21
CA ARG A 34 8.88 -19.61 -10.27
C ARG A 34 9.78 -20.55 -9.47
N SER A 35 11.08 -20.40 -9.69
CA SER A 35 12.06 -21.11 -8.88
C SER A 35 11.82 -20.84 -7.42
N ARG A 36 12.03 -21.85 -6.58
CA ARG A 36 11.89 -21.65 -5.15
C ARG A 36 12.75 -20.49 -4.65
N GLU A 37 13.94 -20.33 -5.19
CA GLU A 37 14.82 -19.25 -4.74
C GLU A 37 14.15 -17.88 -4.82
N TYR A 38 13.18 -17.71 -5.73
CA TYR A 38 12.53 -16.42 -5.89
C TYR A 38 11.82 -15.99 -4.62
N TRP A 39 11.11 -16.93 -3.98
CA TRP A 39 10.26 -16.62 -2.85
C TRP A 39 10.79 -17.12 -1.51
N ASP A 40 11.83 -17.94 -1.53
CA ASP A 40 12.35 -18.54 -0.30
C ASP A 40 13.36 -17.57 0.31
N TYR A 41 12.82 -16.48 0.86
CA TYR A 41 13.69 -15.42 1.33
C TYR A 41 14.58 -15.83 2.50
N GLU A 42 14.16 -16.81 3.30
CA GLU A 42 15.00 -17.23 4.42
C GLU A 42 16.33 -17.77 3.92
N ALA A 43 16.38 -18.25 2.68
CA ALA A 43 17.60 -18.77 2.07
C ALA A 43 18.40 -17.71 1.35
N HIS A 44 17.89 -16.49 1.27
CA HIS A 44 18.57 -15.43 0.54
C HIS A 44 19.77 -14.93 1.32
N VAL A 45 20.88 -14.72 0.63
CA VAL A 45 22.11 -14.21 1.22
C VAL A 45 22.42 -12.86 0.57
N PRO A 46 22.05 -11.75 1.21
CA PRO A 46 22.37 -10.45 0.64
C PRO A 46 23.88 -10.24 0.56
N SER A 47 24.28 -9.38 -0.37
CA SER A 47 25.65 -8.88 -0.45
C SER A 47 25.68 -7.51 0.23
N TRP A 48 26.37 -7.43 1.37
CA TRP A 48 26.37 -6.23 2.20
C TRP A 48 27.59 -5.39 1.86
N GLY A 49 27.37 -4.22 1.27
CA GLY A 49 28.41 -3.26 1.00
C GLY A 49 28.72 -2.40 2.21
N ASN A 50 29.50 -1.36 1.98
CA ASN A 50 30.10 -0.57 3.06
C ASN A 50 29.34 0.72 3.28
N GLN A 51 28.73 0.87 4.45
CA GLN A 51 27.99 2.09 4.75
C GLN A 51 28.89 3.32 4.87
N ASP A 52 30.20 3.13 5.03
CA ASP A 52 31.07 4.28 5.18
C ASP A 52 31.11 5.16 3.95
N ASP A 53 30.63 4.70 2.80
CA ASP A 53 30.53 5.55 1.63
C ASP A 53 29.46 6.60 1.75
N TYR A 54 28.64 6.58 2.79
CA TYR A 54 27.51 7.48 2.89
C TYR A 54 27.69 8.44 4.05
N GLN A 55 27.47 9.71 3.81
CA GLN A 55 27.44 10.74 4.83
C GLN A 55 26.00 11.10 5.16
N LEU A 56 25.58 10.91 6.40
CA LEU A 56 24.24 11.28 6.80
C LEU A 56 24.13 12.79 6.94
N VAL A 57 23.08 13.37 6.40
N VAL A 57 23.08 13.35 6.36
CA VAL A 57 22.95 14.82 6.43
CA VAL A 57 22.86 14.79 6.30
C VAL A 57 21.71 15.30 7.15
C VAL A 57 21.78 15.22 7.28
N ARG A 58 20.67 14.48 7.30
CA ARG A 58 19.48 14.94 7.98
C ARG A 58 18.66 13.71 8.34
N LYS A 59 18.14 13.69 9.55
CA LYS A 59 17.21 12.66 9.96
C LYS A 59 15.85 12.99 9.38
N LEU A 60 15.24 12.03 8.71
CA LEU A 60 13.91 12.19 8.16
C LEU A 60 12.83 11.60 9.02
N GLY A 61 13.12 10.56 9.79
CA GLY A 61 12.12 9.99 10.66
C GLY A 61 12.61 8.70 11.27
N ARG A 62 11.67 8.04 11.94
CA ARG A 62 11.98 6.90 12.75
C ARG A 62 10.72 6.05 12.86
N GLY A 63 10.94 4.74 12.83
CA GLY A 63 9.87 3.79 13.07
C GLY A 63 10.30 2.74 14.08
N LYS A 64 9.38 1.80 14.32
CA LYS A 64 9.67 0.70 15.23
C LYS A 64 10.92 -0.06 14.80
N TYR A 65 11.16 -0.14 13.49
CA TYR A 65 12.15 -1.03 12.92
C TYR A 65 13.36 -0.31 12.33
N SER A 66 13.35 1.02 12.27
CA SER A 66 14.37 1.66 11.46
C SER A 66 14.42 3.14 11.78
N GLU A 67 15.51 3.74 11.36
CA GLU A 67 15.66 5.17 11.36
C GLU A 67 16.09 5.58 9.96
N VAL A 68 15.56 6.69 9.48
CA VAL A 68 15.72 7.07 8.10
C VAL A 68 16.43 8.40 8.03
N PHE A 69 17.46 8.46 7.19
CA PHE A 69 18.25 9.66 7.00
C PHE A 69 18.37 9.99 5.52
N GLU A 70 18.37 11.27 5.20
CA GLU A 70 18.89 11.74 3.93
C GLU A 70 20.41 11.69 4.01
N ALA A 71 21.06 11.29 2.92
CA ALA A 71 22.50 11.10 2.92
C ALA A 71 23.06 11.42 1.55
N ILE A 72 24.39 11.55 1.52
CA ILE A 72 25.13 11.74 0.28
C ILE A 72 26.16 10.61 0.16
N ASN A 73 26.20 9.94 -1.00
CA ASN A 73 27.29 9.02 -1.29
C ASN A 73 28.53 9.83 -1.60
N ILE A 74 29.54 9.72 -0.75
CA ILE A 74 30.69 10.60 -0.87
C ILE A 74 31.56 10.24 -2.07
N THR A 75 31.40 9.04 -2.64
CA THR A 75 32.19 8.64 -3.79
C THR A 75 31.68 9.23 -5.11
N ASN A 76 30.40 9.64 -5.19
CA ASN A 76 29.85 10.14 -6.44
C ASN A 76 28.86 11.29 -6.25
N ASN A 77 28.72 11.80 -5.03
CA ASN A 77 27.85 12.92 -4.70
C ASN A 77 26.36 12.63 -4.93
N GLU A 78 25.96 11.37 -5.01
CA GLU A 78 24.55 11.03 -5.17
C GLU A 78 23.81 11.26 -3.85
N ARG A 79 22.69 11.96 -3.90
CA ARG A 79 21.80 12.10 -2.75
C ARG A 79 20.90 10.88 -2.70
N VAL A 80 20.77 10.29 -1.49
CA VAL A 80 20.06 9.05 -1.28
C VAL A 80 19.31 9.16 0.05
N VAL A 81 18.55 8.12 0.34
CA VAL A 81 17.94 7.92 1.64
C VAL A 81 18.47 6.62 2.20
N VAL A 82 18.95 6.66 3.44
CA VAL A 82 19.49 5.50 4.14
C VAL A 82 18.54 5.12 5.26
N LYS A 83 18.09 3.87 5.26
CA LYS A 83 17.24 3.34 6.31
C LYS A 83 18.07 2.35 7.12
N ILE A 84 18.42 2.76 8.34
CA ILE A 84 19.27 1.97 9.23
C ILE A 84 18.37 1.08 10.06
N LEU A 85 18.60 -0.22 10.00
CA LEU A 85 17.68 -1.20 10.57
C LEU A 85 17.97 -1.44 12.04
N LYS A 86 16.92 -1.34 12.85
CA LYS A 86 16.99 -1.61 14.28
C LYS A 86 16.97 -3.13 14.52
N PRO A 87 17.34 -3.57 15.72
CA PRO A 87 17.39 -5.01 15.98
C PRO A 87 16.09 -5.70 15.62
N VAL A 88 16.20 -6.73 14.79
CA VAL A 88 15.06 -7.54 14.36
C VAL A 88 15.59 -8.91 13.99
N LYS A 89 14.68 -9.88 13.98
CA LYS A 89 15.02 -11.18 13.43
C LYS A 89 15.50 -10.99 12.00
N LYS A 90 16.65 -11.59 11.69
CA LYS A 90 17.23 -11.49 10.36
C LYS A 90 16.25 -11.93 9.30
N LYS A 91 15.27 -12.75 9.65
CA LYS A 91 14.30 -13.24 8.67
C LYS A 91 13.56 -12.09 8.02
N LYS A 92 13.20 -11.06 8.80
CA LYS A 92 12.44 -9.94 8.24
C LYS A 92 13.31 -9.08 7.35
N ILE A 93 14.59 -8.95 7.69
CA ILE A 93 15.51 -8.22 6.83
C ILE A 93 15.66 -8.95 5.51
N LYS A 94 15.87 -10.27 5.56
CA LYS A 94 15.98 -11.03 4.33
C LYS A 94 14.72 -10.91 3.49
N ARG A 95 13.56 -10.91 4.13
CA ARG A 95 12.32 -10.79 3.38
C ARG A 95 12.28 -9.47 2.62
N GLU A 96 12.53 -8.36 3.31
CA GLU A 96 12.43 -7.05 2.66
C GLU A 96 13.48 -6.92 1.55
N VAL A 97 14.70 -7.39 1.82
CA VAL A 97 15.75 -7.31 0.81
C VAL A 97 15.40 -8.15 -0.41
N LYS A 98 14.95 -9.39 -0.21
CA LYS A 98 14.61 -10.22 -1.35
C LYS A 98 13.46 -9.63 -2.15
N ILE A 99 12.44 -9.11 -1.46
CA ILE A 99 11.33 -8.47 -2.15
C ILE A 99 11.82 -7.31 -3.00
N LEU A 100 12.64 -6.43 -2.41
CA LEU A 100 13.12 -5.28 -3.16
C LEU A 100 13.97 -5.71 -4.34
N GLU A 101 14.81 -6.74 -4.16
N GLU A 101 14.76 -6.75 -4.19
CA GLU A 101 15.56 -7.34 -5.27
CA GLU A 101 15.53 -7.18 -5.34
C GLU A 101 14.60 -7.76 -6.37
C GLU A 101 14.65 -7.83 -6.41
N ASN A 102 13.59 -8.54 -6.00
CA ASN A 102 12.66 -9.08 -6.98
C ASN A 102 11.91 -7.99 -7.72
N LEU A 103 11.68 -6.86 -7.06
CA LEU A 103 10.94 -5.76 -7.65
C LEU A 103 11.83 -4.81 -8.43
N ARG A 104 13.14 -5.14 -8.58
CA ARG A 104 14.12 -4.30 -9.26
C ARG A 104 13.59 -3.80 -10.59
N GLY A 105 13.63 -2.49 -10.77
CA GLY A 105 13.19 -1.83 -11.98
C GLY A 105 11.68 -1.69 -12.13
N GLY A 106 10.90 -2.14 -11.15
CA GLY A 106 9.45 -2.04 -11.26
C GLY A 106 8.97 -0.60 -11.29
N THR A 107 7.93 -0.38 -12.05
CA THR A 107 7.44 0.97 -12.28
C THR A 107 6.94 1.60 -10.99
N ASN A 108 7.53 2.73 -10.62
CA ASN A 108 7.13 3.53 -9.49
C ASN A 108 7.33 2.82 -8.17
N ILE A 109 8.18 1.81 -8.13
CA ILE A 109 8.63 1.21 -6.90
C ILE A 109 9.95 1.85 -6.49
N ILE A 110 10.07 2.24 -5.23
CA ILE A 110 11.30 2.88 -4.78
C ILE A 110 12.50 2.02 -5.15
N LYS A 111 13.53 2.64 -5.72
CA LYS A 111 14.71 1.90 -6.15
C LYS A 111 15.65 1.67 -4.98
N LEU A 112 15.89 0.40 -4.66
CA LEU A 112 16.95 0.01 -3.74
C LEU A 112 18.28 0.11 -4.49
N ILE A 113 19.12 1.05 -4.06
CA ILE A 113 20.45 1.23 -4.66
C ILE A 113 21.44 0.24 -4.09
N ASP A 114 21.41 -0.01 -2.78
CA ASP A 114 22.37 -0.95 -2.19
C ASP A 114 21.89 -1.39 -0.82
N THR A 115 22.46 -2.50 -0.40
CA THR A 115 22.31 -3.08 0.93
C THR A 115 23.70 -2.98 1.56
N VAL A 116 23.81 -2.26 2.67
CA VAL A 116 25.12 -1.95 3.26
C VAL A 116 25.10 -2.23 4.76
N LYS A 117 26.29 -2.33 5.32
CA LYS A 117 26.47 -2.47 6.75
C LYS A 117 27.55 -1.52 7.23
N ASP A 118 27.40 -1.05 8.48
CA ASP A 118 28.51 -0.45 9.21
C ASP A 118 29.57 -1.55 9.28
N PRO A 119 30.78 -1.31 8.78
CA PRO A 119 31.78 -2.40 8.69
C PRO A 119 32.28 -2.87 10.05
N VAL A 120 32.03 -2.11 11.11
CA VAL A 120 32.45 -2.50 12.45
C VAL A 120 31.30 -3.13 13.22
N SER A 121 30.18 -2.43 13.34
CA SER A 121 29.07 -2.99 14.11
C SER A 121 28.28 -4.04 13.35
N LYS A 122 28.40 -4.03 12.02
CA LYS A 122 27.63 -4.91 11.14
C LYS A 122 26.14 -4.59 11.14
N THR A 123 25.73 -3.43 11.65
CA THR A 123 24.34 -3.03 11.57
C THR A 123 23.97 -2.79 10.11
N PRO A 124 22.90 -3.42 9.63
CA PRO A 124 22.53 -3.28 8.22
C PRO A 124 21.69 -2.05 7.98
N ALA A 125 21.75 -1.61 6.72
CA ALA A 125 21.00 -0.47 6.24
C ALA A 125 20.68 -0.66 4.77
N LEU A 126 19.57 -0.06 4.36
CA LEU A 126 19.13 -0.07 2.98
C LEU A 126 19.27 1.33 2.42
N VAL A 127 19.80 1.43 1.21
CA VAL A 127 20.03 2.70 0.55
C VAL A 127 19.06 2.81 -0.61
N PHE A 128 18.26 3.86 -0.62
CA PHE A 128 17.23 4.07 -1.63
C PHE A 128 17.50 5.36 -2.39
N GLU A 129 16.98 5.41 -3.60
CA GLU A 129 16.98 6.67 -4.33
C GLU A 129 16.23 7.74 -3.54
N TYR A 130 16.72 8.95 -3.66
CA TYR A 130 16.11 10.10 -3.02
C TYR A 130 14.88 10.53 -3.82
N ILE A 131 13.82 10.95 -3.13
CA ILE A 131 12.67 11.60 -3.73
C ILE A 131 12.41 12.87 -2.93
N ASN A 132 12.23 13.99 -3.62
CA ASN A 132 11.97 15.25 -2.95
C ASN A 132 10.45 15.33 -2.74
N ASN A 133 10.00 14.74 -1.64
N ASN A 133 9.98 14.74 -1.64
CA ASN A 133 8.59 14.53 -1.40
CA ASN A 133 8.56 14.49 -1.47
C ASN A 133 7.88 15.81 -0.99
C ASN A 133 7.81 15.69 -0.88
N THR A 134 6.65 15.95 -1.45
CA THR A 134 5.76 17.00 -0.99
C THR A 134 4.89 16.40 0.11
N ASP A 135 4.93 16.98 1.31
CA ASP A 135 4.12 16.49 2.42
C ASP A 135 2.68 16.26 2.00
N PHE A 136 2.18 15.05 2.24
CA PHE A 136 0.87 14.72 1.68
C PHE A 136 -0.25 15.54 2.27
N LYS A 137 -0.14 15.96 3.53
CA LYS A 137 -1.25 16.70 4.11
C LYS A 137 -1.47 18.00 3.36
N GLN A 138 -0.39 18.67 3.00
CA GLN A 138 -0.49 19.88 2.20
C GLN A 138 -0.90 19.54 0.78
N LEU A 139 -0.22 18.57 0.16
CA LEU A 139 -0.47 18.22 -1.22
C LEU A 139 -1.92 17.88 -1.46
N TYR A 140 -2.51 17.05 -0.60
CA TYR A 140 -3.84 16.54 -0.88
C TYR A 140 -4.88 17.66 -0.89
N GLN A 141 -4.61 18.76 -0.22
CA GLN A 141 -5.61 19.81 -0.25
C GLN A 141 -5.50 20.72 -1.48
N ILE A 142 -4.48 20.54 -2.34
CA ILE A 142 -4.34 21.32 -3.56
C ILE A 142 -4.45 20.51 -4.84
N LEU A 143 -4.67 19.21 -4.77
CA LEU A 143 -4.74 18.39 -5.97
C LEU A 143 -5.95 18.78 -6.82
N THR A 144 -5.76 18.80 -8.14
CA THR A 144 -6.83 18.93 -9.10
C THR A 144 -7.41 17.55 -9.45
N ASP A 145 -8.52 17.56 -10.18
CA ASP A 145 -9.11 16.31 -10.65
C ASP A 145 -8.11 15.50 -11.46
N PHE A 146 -7.45 16.16 -12.43
CA PHE A 146 -6.48 15.45 -13.22
C PHE A 146 -5.32 14.94 -12.35
N ASP A 147 -4.85 15.76 -11.41
CA ASP A 147 -3.75 15.34 -10.53
C ASP A 147 -4.09 14.03 -9.84
N ILE A 148 -5.31 13.92 -9.31
CA ILE A 148 -5.70 12.71 -8.59
C ILE A 148 -5.69 11.53 -9.54
N ARG A 149 -6.27 11.70 -10.72
CA ARG A 149 -6.27 10.62 -11.69
C ARG A 149 -4.85 10.19 -11.99
N PHE A 150 -3.98 11.17 -12.24
CA PHE A 150 -2.60 10.88 -12.59
C PHE A 150 -1.88 10.11 -11.50
N TYR A 151 -1.92 10.63 -10.27
CA TYR A 151 -1.16 9.97 -9.22
C TYR A 151 -1.75 8.62 -8.87
N MET A 152 -3.07 8.48 -8.90
CA MET A 152 -3.65 7.18 -8.65
C MET A 152 -3.26 6.18 -9.73
N TYR A 153 -3.20 6.63 -10.98
CA TYR A 153 -2.76 5.74 -12.05
C TYR A 153 -1.33 5.31 -11.86
N GLU A 154 -0.48 6.24 -11.46
CA GLU A 154 0.92 5.92 -11.24
C GLU A 154 1.09 4.97 -10.05
N LEU A 155 0.31 5.17 -8.98
CA LEU A 155 0.37 4.24 -7.87
C LEU A 155 -0.12 2.86 -8.28
N LEU A 156 -1.19 2.81 -9.08
CA LEU A 156 -1.68 1.53 -9.57
C LEU A 156 -0.63 0.79 -10.37
N LYS A 157 0.21 1.50 -11.12
CA LYS A 157 1.26 0.82 -11.85
C LYS A 157 2.18 0.08 -10.90
N ALA A 158 2.50 0.68 -9.76
CA ALA A 158 3.38 0.05 -8.78
C ALA A 158 2.72 -1.18 -8.18
N LEU A 159 1.44 -1.07 -7.84
CA LEU A 159 0.73 -2.21 -7.27
C LEU A 159 0.55 -3.32 -8.28
N ASP A 160 0.17 -2.99 -9.50
CA ASP A 160 0.06 -4.04 -10.49
C ASP A 160 1.40 -4.74 -10.67
N TYR A 161 2.48 -3.98 -10.66
CA TYR A 161 3.78 -4.58 -10.80
C TYR A 161 4.07 -5.51 -9.64
N CYS A 162 3.96 -5.03 -8.39
CA CYS A 162 4.32 -5.91 -7.30
C CYS A 162 3.41 -7.12 -7.21
N HIS A 163 2.11 -6.95 -7.44
CA HIS A 163 1.21 -8.10 -7.47
C HIS A 163 1.64 -9.11 -8.53
N SER A 164 2.02 -8.61 -9.70
CA SER A 164 2.46 -9.49 -10.77
C SER A 164 3.72 -10.24 -10.38
N LYS A 165 4.50 -9.68 -9.49
CA LYS A 165 5.70 -10.29 -8.95
C LYS A 165 5.41 -11.10 -7.70
N GLY A 166 4.14 -11.37 -7.42
CA GLY A 166 3.79 -12.27 -6.36
C GLY A 166 3.88 -11.67 -4.98
N ILE A 167 3.83 -10.35 -4.86
CA ILE A 167 4.08 -9.66 -3.59
C ILE A 167 2.90 -8.76 -3.25
N MET A 168 2.48 -8.85 -1.98
CA MET A 168 1.51 -7.93 -1.40
C MET A 168 2.28 -6.88 -0.61
N HIS A 169 1.95 -5.60 -0.77
CA HIS A 169 2.68 -4.57 -0.03
C HIS A 169 2.27 -4.56 1.44
N ARG A 170 0.95 -4.53 1.70
CA ARG A 170 0.35 -4.65 3.02
C ARG A 170 0.52 -3.40 3.88
N ASP A 171 0.96 -2.28 3.32
CA ASP A 171 1.03 -1.05 4.10
C ASP A 171 0.85 0.16 3.20
N VAL A 172 -0.10 0.07 2.28
CA VAL A 172 -0.36 1.20 1.39
C VAL A 172 -1.06 2.28 2.21
N LYS A 173 -0.54 3.51 2.14
CA LYS A 173 -1.08 4.66 2.85
C LYS A 173 -0.34 5.90 2.32
N PRO A 174 -0.88 7.08 2.55
CA PRO A 174 -0.21 8.29 2.02
C PRO A 174 1.23 8.44 2.44
N HIS A 175 1.56 8.12 3.68
CA HIS A 175 2.93 8.24 4.14
C HIS A 175 3.88 7.32 3.40
N ASN A 176 3.39 6.26 2.76
CA ASN A 176 4.23 5.33 2.03
C ASN A 176 4.15 5.54 0.52
N VAL A 177 3.61 6.65 0.08
CA VAL A 177 3.55 7.01 -1.32
C VAL A 177 4.23 8.38 -1.47
N MET A 178 5.50 8.35 -1.82
CA MET A 178 6.24 9.59 -1.94
C MET A 178 5.93 10.23 -3.28
N ILE A 179 5.61 11.51 -3.26
CA ILE A 179 5.25 12.23 -4.46
C ILE A 179 6.07 13.51 -4.52
N ASP A 180 6.87 13.65 -5.56
CA ASP A 180 7.51 14.91 -5.91
C ASP A 180 6.55 15.61 -6.86
N HIS A 181 5.80 16.57 -6.34
CA HIS A 181 4.77 17.21 -7.13
C HIS A 181 5.33 18.20 -8.13
N GLN A 182 6.60 18.57 -8.00
CA GLN A 182 7.21 19.45 -8.99
C GLN A 182 7.68 18.66 -10.20
N GLN A 183 8.35 17.51 -10.00
CA GLN A 183 8.78 16.66 -11.10
C GLN A 183 7.76 15.61 -11.49
N LYS A 184 6.64 15.52 -10.78
CA LYS A 184 5.60 14.55 -11.06
C LYS A 184 6.14 13.13 -10.99
N LYS A 185 6.83 12.82 -9.90
CA LYS A 185 7.39 11.51 -9.65
C LYS A 185 6.69 10.92 -8.45
N LEU A 186 6.35 9.63 -8.53
CA LEU A 186 5.71 8.91 -7.45
C LEU A 186 6.48 7.63 -7.20
N ARG A 187 6.69 7.33 -5.93
CA ARG A 187 7.29 6.05 -5.55
C ARG A 187 6.57 5.43 -4.36
N LEU A 188 6.28 4.15 -4.47
CA LEU A 188 5.76 3.35 -3.36
C LEU A 188 6.94 2.85 -2.55
N ILE A 189 6.98 3.24 -1.27
CA ILE A 189 8.07 2.96 -0.35
C ILE A 189 7.63 2.03 0.77
N ASP A 190 8.56 1.69 1.65
N ASP A 190 8.58 1.69 1.64
CA ASP A 190 8.29 1.00 2.90
CA ASP A 190 8.36 0.99 2.91
C ASP A 190 7.72 -0.40 2.66
C ASP A 190 7.75 -0.40 2.72
N TRP A 191 8.62 -1.26 2.21
CA TRP A 191 8.32 -2.65 1.89
C TRP A 191 8.58 -3.61 3.04
N GLY A 192 8.75 -3.10 4.25
CA GLY A 192 9.05 -3.95 5.38
C GLY A 192 7.92 -4.81 5.88
N LEU A 193 6.68 -4.53 5.49
CA LEU A 193 5.56 -5.39 5.80
C LEU A 193 5.16 -6.27 4.62
N ALA A 194 5.81 -6.13 3.47
CA ALA A 194 5.37 -6.85 2.31
C ALA A 194 5.67 -8.34 2.46
N GLU A 195 4.85 -9.16 1.79
N GLU A 195 4.96 -9.14 1.68
CA GLU A 195 5.01 -10.60 1.81
CA GLU A 195 5.06 -10.59 1.82
C GLU A 195 4.75 -11.18 0.42
C GLU A 195 4.63 -11.24 0.51
N PHE A 196 5.22 -12.42 0.26
CA PHE A 196 4.89 -13.22 -0.90
C PHE A 196 3.54 -13.88 -0.72
N TYR A 197 2.74 -13.83 -1.78
CA TYR A 197 1.44 -14.48 -1.82
C TYR A 197 1.58 -15.93 -2.27
N HIS A 198 0.99 -16.83 -1.49
CA HIS A 198 0.90 -18.24 -1.82
C HIS A 198 -0.54 -18.68 -1.57
N PRO A 199 -1.17 -19.35 -2.52
CA PRO A 199 -2.57 -19.72 -2.36
C PRO A 199 -2.80 -20.53 -1.10
N ALA A 200 -3.87 -20.17 -0.38
CA ALA A 200 -4.32 -20.86 0.83
C ALA A 200 -3.46 -20.53 2.04
N GLN A 201 -2.41 -19.73 1.91
CA GLN A 201 -1.60 -19.40 3.06
C GLN A 201 -2.37 -18.44 3.96
N GLU A 202 -2.27 -18.68 5.26
CA GLU A 202 -2.87 -17.79 6.24
C GLU A 202 -1.83 -16.79 6.71
N TYR A 203 -2.16 -15.51 6.62
CA TYR A 203 -1.25 -14.43 6.93
C TYR A 203 -1.65 -13.73 8.22
N ASN A 204 -0.66 -13.07 8.80
CA ASN A 204 -0.89 -12.25 9.97
C ASN A 204 -1.76 -11.06 9.60
N VAL A 205 -2.83 -10.83 10.36
CA VAL A 205 -3.71 -9.70 10.10
C VAL A 205 -3.20 -8.39 10.68
N ARG A 206 -2.10 -8.42 11.45
CA ARG A 206 -1.51 -7.22 12.06
C ARG A 206 -0.58 -6.57 11.04
N VAL A 207 -1.19 -6.06 9.98
CA VAL A 207 -0.50 -5.32 8.94
C VAL A 207 -1.35 -4.09 8.62
N ALA A 208 -0.75 -3.16 7.86
CA ALA A 208 -1.35 -1.90 7.45
C ALA A 208 -1.61 -0.93 8.60
N SER A 209 -1.69 0.35 8.29
CA SER A 209 -2.10 1.34 9.27
C SER A 209 -3.57 1.21 9.50
N ARG A 210 -4.01 1.52 10.72
CA ARG A 210 -5.40 1.39 11.10
C ARG A 210 -6.35 1.88 10.02
N TYR A 211 -6.11 3.08 9.52
CA TYR A 211 -7.11 3.72 8.68
C TYR A 211 -7.21 3.06 7.31
N PHE A 212 -6.23 2.26 6.96
CA PHE A 212 -6.08 1.63 5.65
C PHE A 212 -6.27 0.13 5.71
N LYS A 213 -6.58 -0.41 6.88
CA LYS A 213 -6.80 -1.84 7.04
C LYS A 213 -8.09 -2.25 6.35
N GLY A 214 -8.02 -3.29 5.56
CA GLY A 214 -9.19 -3.83 4.91
C GLY A 214 -10.07 -4.53 5.93
N PRO A 215 -11.36 -4.64 5.63
CA PRO A 215 -12.28 -5.34 6.54
C PRO A 215 -11.82 -6.73 6.87
N GLU A 216 -11.17 -7.42 5.93
CA GLU A 216 -10.68 -8.76 6.21
C GLU A 216 -9.74 -8.75 7.38
N LEU A 217 -8.86 -7.75 7.49
CA LEU A 217 -7.96 -7.70 8.62
C LEU A 217 -8.72 -7.45 9.91
N LEU A 218 -9.70 -6.57 9.86
CA LEU A 218 -10.42 -6.14 11.05
C LEU A 218 -11.32 -7.23 11.59
N VAL A 219 -11.72 -8.19 10.76
CA VAL A 219 -12.49 -9.34 11.20
C VAL A 219 -11.64 -10.59 11.32
N ASP A 220 -10.32 -10.44 11.29
CA ASP A 220 -9.39 -11.53 11.58
C ASP A 220 -9.45 -12.65 10.55
N TYR A 221 -9.68 -12.30 9.28
CA TYR A 221 -9.66 -13.26 8.18
C TYR A 221 -8.25 -13.34 7.60
N GLN A 222 -7.60 -14.47 7.78
CA GLN A 222 -6.18 -14.58 7.49
C GLN A 222 -5.88 -14.97 6.04
N MET A 223 -6.86 -15.46 5.30
CA MET A 223 -6.62 -15.98 3.96
C MET A 223 -6.82 -14.89 2.91
N TYR A 224 -6.10 -13.76 3.12
CA TYR A 224 -6.24 -12.59 2.29
C TYR A 224 -5.20 -12.63 1.17
N ASP A 225 -5.23 -11.64 0.29
CA ASP A 225 -4.36 -11.63 -0.88
C ASP A 225 -4.05 -10.19 -1.30
N TYR A 226 -3.57 -10.02 -2.53
CA TYR A 226 -3.24 -8.72 -3.11
C TYR A 226 -4.37 -7.72 -2.96
N SER A 227 -5.61 -8.21 -2.96
CA SER A 227 -6.77 -7.33 -2.88
C SER A 227 -6.79 -6.48 -1.62
N LEU A 228 -6.05 -6.86 -0.59
CA LEU A 228 -5.91 -6.00 0.59
C LEU A 228 -5.38 -4.64 0.18
N ASP A 229 -4.36 -4.62 -0.70
CA ASP A 229 -3.77 -3.36 -1.14
C ASP A 229 -4.79 -2.51 -1.89
N MET A 230 -5.74 -3.15 -2.58
CA MET A 230 -6.74 -2.43 -3.33
C MET A 230 -7.75 -1.74 -2.42
N TRP A 231 -8.05 -2.33 -1.25
CA TRP A 231 -8.83 -1.61 -0.26
C TRP A 231 -8.09 -0.34 0.18
N SER A 232 -6.82 -0.49 0.55
CA SER A 232 -6.04 0.65 1.01
C SER A 232 -6.00 1.72 -0.07
N LEU A 233 -5.82 1.33 -1.33
N LEU A 233 -5.77 1.31 -1.31
CA LEU A 233 -5.79 2.33 -2.39
CA LEU A 233 -5.81 2.23 -2.44
C LEU A 233 -7.16 2.99 -2.54
C LEU A 233 -7.13 2.97 -2.48
N GLY A 234 -8.23 2.23 -2.39
CA GLY A 234 -9.54 2.83 -2.39
C GLY A 234 -9.72 3.86 -1.28
N CYS A 235 -9.17 3.59 -0.10
CA CYS A 235 -9.26 4.56 0.97
C CYS A 235 -8.54 5.85 0.57
N MET A 236 -7.39 5.71 -0.07
CA MET A 236 -6.65 6.88 -0.54
C MET A 236 -7.44 7.64 -1.58
N LEU A 237 -8.02 6.94 -2.55
CA LEU A 237 -8.83 7.60 -3.56
C LEU A 237 -9.96 8.38 -2.92
N ALA A 238 -10.68 7.76 -1.99
CA ALA A 238 -11.77 8.44 -1.32
C ALA A 238 -11.28 9.71 -0.65
N SER A 239 -10.14 9.62 0.05
CA SER A 239 -9.66 10.79 0.76
C SER A 239 -9.30 11.91 -0.18
N MET A 240 -8.80 11.58 -1.36
CA MET A 240 -8.41 12.59 -2.32
C MET A 240 -9.62 13.24 -2.97
N ILE A 241 -10.55 12.44 -3.47
CA ILE A 241 -11.67 13.04 -4.20
C ILE A 241 -12.64 13.74 -3.25
N PHE A 242 -12.74 13.27 -2.01
CA PHE A 242 -13.69 13.88 -1.08
C PHE A 242 -13.05 14.87 -0.13
N ARG A 243 -11.73 14.91 -0.05
N ARG A 243 -11.73 14.85 0.00
CA ARG A 243 -11.02 15.81 0.86
CA ARG A 243 -10.90 15.76 0.79
C ARG A 243 -11.37 15.52 2.31
C ARG A 243 -10.92 15.43 2.28
N ARG A 244 -11.39 14.24 2.65
CA ARG A 244 -11.50 13.79 4.03
C ARG A 244 -10.39 12.79 4.24
N GLU A 245 -9.35 13.20 4.97
CA GLU A 245 -8.12 12.40 5.09
C GLU A 245 -7.79 12.21 6.56
N PRO A 246 -7.69 10.97 7.04
CA PRO A 246 -8.06 9.73 6.34
C PRO A 246 -9.56 9.67 6.18
N PHE A 247 -10.00 8.83 5.24
CA PHE A 247 -11.43 8.75 4.95
C PHE A 247 -12.22 8.04 6.04
N PHE A 248 -11.69 6.91 6.56
CA PHE A 248 -12.30 6.14 7.63
C PHE A 248 -11.41 6.29 8.85
N HIS A 249 -11.82 7.12 9.80
CA HIS A 249 -10.93 7.55 10.87
C HIS A 249 -11.28 6.85 12.18
N GLY A 250 -10.97 5.57 12.28
CA GLY A 250 -11.26 4.84 13.49
C GLY A 250 -10.36 5.24 14.64
N GLN A 251 -10.88 5.04 15.86
CA GLN A 251 -10.11 5.29 17.08
C GLN A 251 -9.28 4.09 17.52
N ASP A 252 -9.59 2.90 17.03
CA ASP A 252 -8.94 1.63 17.34
C ASP A 252 -9.45 0.67 16.27
N ASN A 253 -8.99 -0.58 16.29
CA ASN A 253 -9.35 -1.49 15.20
C ASN A 253 -10.83 -1.80 15.21
N TYR A 254 -11.42 -1.91 16.39
CA TYR A 254 -12.85 -2.19 16.45
C TYR A 254 -13.62 -1.04 15.84
N ASP A 255 -13.34 0.18 16.30
CA ASP A 255 -14.03 1.36 15.77
C ASP A 255 -13.76 1.53 14.28
N GLN A 256 -12.60 1.10 13.80
CA GLN A 256 -12.33 1.20 12.37
C GLN A 256 -13.38 0.47 11.57
N LEU A 257 -13.76 -0.75 12.00
CA LEU A 257 -14.76 -1.47 11.24
C LEU A 257 -16.10 -0.80 11.36
N VAL A 258 -16.40 -0.23 12.53
CA VAL A 258 -17.65 0.50 12.68
C VAL A 258 -17.70 1.66 11.69
N ARG A 259 -16.60 2.41 11.56
CA ARG A 259 -16.58 3.54 10.63
C ARG A 259 -16.83 3.06 9.21
N ILE A 260 -16.26 1.92 8.84
CA ILE A 260 -16.50 1.36 7.52
C ILE A 260 -17.97 0.99 7.36
N ALA A 261 -18.53 0.30 8.36
CA ALA A 261 -19.89 -0.19 8.27
C ALA A 261 -20.91 0.94 8.22
N LYS A 262 -20.59 2.10 8.77
CA LYS A 262 -21.48 3.24 8.70
C LYS A 262 -21.60 3.78 7.29
N VAL A 263 -20.68 3.39 6.41
CA VAL A 263 -20.72 3.78 5.00
C VAL A 263 -21.18 2.63 4.12
N LEU A 264 -20.55 1.46 4.25
N LEU A 264 -20.54 1.48 4.24
CA LEU A 264 -20.84 0.30 3.41
CA LEU A 264 -20.90 0.36 3.37
C LEU A 264 -22.06 -0.49 3.88
C LEU A 264 -22.16 -0.36 3.81
N GLY A 265 -22.51 -0.29 5.09
CA GLY A 265 -23.70 -0.93 5.59
C GLY A 265 -23.42 -2.17 6.43
N THR A 266 -24.25 -2.40 7.44
CA THR A 266 -24.08 -3.56 8.31
C THR A 266 -24.62 -4.84 7.70
N GLU A 267 -25.78 -4.80 7.04
CA GLU A 267 -26.28 -6.03 6.44
C GLU A 267 -25.31 -6.52 5.37
N GLU A 268 -24.68 -5.59 4.69
CA GLU A 268 -23.69 -5.94 3.68
C GLU A 268 -22.45 -6.56 4.33
N LEU A 269 -22.02 -6.07 5.48
CA LEU A 269 -20.94 -6.72 6.21
C LEU A 269 -21.29 -8.16 6.54
N TYR A 270 -22.51 -8.40 7.03
CA TYR A 270 -22.87 -9.75 7.45
C TYR A 270 -22.92 -10.70 6.27
N GLY A 271 -23.32 -10.20 5.12
CA GLY A 271 -23.30 -11.04 3.94
C GLY A 271 -21.90 -11.47 3.58
N TYR A 272 -20.94 -10.55 3.71
CA TYR A 272 -19.54 -10.89 3.49
C TYR A 272 -19.08 -11.94 4.46
N LEU A 273 -19.35 -11.73 5.74
CA LEU A 273 -18.93 -12.70 6.74
C LEU A 273 -19.50 -14.07 6.46
N LYS A 274 -20.77 -14.12 6.07
CA LYS A 274 -21.40 -15.41 5.82
C LYS A 274 -20.76 -16.10 4.62
N LYS A 275 -20.45 -15.35 3.56
CA LYS A 275 -19.91 -15.97 2.36
C LYS A 275 -18.62 -16.72 2.66
N TYR A 276 -17.77 -16.13 3.48
CA TYR A 276 -16.46 -16.68 3.79
C TYR A 276 -16.43 -17.41 5.11
N HIS A 277 -17.59 -17.56 5.75
CA HIS A 277 -17.71 -18.21 7.05
C HIS A 277 -16.73 -17.64 8.07
N ILE A 278 -16.79 -16.33 8.21
CA ILE A 278 -15.87 -15.59 9.05
C ILE A 278 -16.48 -15.42 10.42
N ASP A 279 -15.75 -15.86 11.44
CA ASP A 279 -16.16 -15.64 12.82
C ASP A 279 -15.93 -14.20 13.21
N LEU A 280 -16.95 -13.58 13.76
CA LEU A 280 -16.88 -12.20 14.19
C LEU A 280 -16.70 -12.11 15.70
N ASP A 281 -15.62 -11.45 16.12
CA ASP A 281 -15.36 -11.21 17.53
C ASP A 281 -16.59 -10.60 18.18
N PRO A 282 -17.11 -11.18 19.26
CA PRO A 282 -18.40 -10.70 19.79
C PRO A 282 -18.33 -9.31 20.40
N HIS A 283 -17.15 -8.77 20.66
CA HIS A 283 -17.10 -7.38 21.08
C HIS A 283 -17.75 -6.45 20.06
N PHE A 284 -17.75 -6.85 18.79
CA PHE A 284 -18.38 -6.02 17.76
C PHE A 284 -19.89 -5.92 17.94
N ASN A 285 -20.52 -6.89 18.60
CA ASN A 285 -21.97 -6.88 18.71
C ASN A 285 -22.50 -5.60 19.34
N ASP A 286 -21.78 -5.06 20.32
CA ASP A 286 -22.26 -3.90 21.08
C ASP A 286 -21.98 -2.59 20.39
N ILE A 287 -21.15 -2.56 19.35
CA ILE A 287 -20.69 -1.31 18.76
C ILE A 287 -21.06 -1.13 17.29
N LEU A 288 -21.37 -2.20 16.53
CA LEU A 288 -21.65 -2.03 15.10
C LEU A 288 -22.96 -1.30 14.83
N GLY A 289 -23.97 -1.46 15.68
CA GLY A 289 -25.24 -0.84 15.41
C GLY A 289 -25.87 -1.36 14.13
N GLN A 290 -26.76 -0.55 13.56
CA GLN A 290 -27.45 -0.89 12.33
C GLN A 290 -27.30 0.29 11.39
N HIS A 291 -26.72 0.05 10.21
CA HIS A 291 -26.43 1.13 9.30
C HIS A 291 -26.78 0.72 7.88
N SER A 292 -27.49 1.60 7.19
CA SER A 292 -27.75 1.43 5.78
C SER A 292 -26.46 1.65 4.99
N ARG A 293 -26.39 1.02 3.82
CA ARG A 293 -25.37 1.39 2.86
C ARG A 293 -25.66 2.78 2.33
N LYS A 294 -24.64 3.63 2.35
CA LYS A 294 -24.77 5.02 1.96
C LYS A 294 -24.41 5.21 0.49
N ARG A 295 -25.04 6.18 -0.14
CA ARG A 295 -24.69 6.56 -1.49
C ARG A 295 -23.41 7.36 -1.45
N TRP A 296 -22.47 7.04 -2.35
CA TRP A 296 -21.21 7.76 -2.39
C TRP A 296 -21.44 9.25 -2.64
N GLU A 297 -22.51 9.59 -3.34
CA GLU A 297 -22.81 10.99 -3.61
C GLU A 297 -23.06 11.78 -2.33
N ASN A 298 -23.35 11.09 -1.22
CA ASN A 298 -23.59 11.75 0.06
C ASN A 298 -22.36 12.50 0.54
N PHE A 299 -21.18 12.15 0.06
CA PHE A 299 -19.95 12.77 0.51
C PHE A 299 -19.58 14.01 -0.29
N ILE A 300 -20.36 14.36 -1.31
CA ILE A 300 -20.09 15.51 -2.16
C ILE A 300 -20.61 16.77 -1.50
N HIS A 301 -19.81 17.81 -1.54
CA HIS A 301 -20.29 19.14 -1.18
C HIS A 301 -19.43 20.16 -1.92
N SER A 302 -19.66 21.45 -1.65
CA SER A 302 -19.05 22.45 -2.50
C SER A 302 -17.54 22.37 -2.49
N GLU A 303 -16.93 21.92 -1.39
CA GLU A 303 -15.47 21.93 -1.29
C GLU A 303 -14.81 20.82 -2.10
N ASN A 304 -15.53 19.77 -2.49
CA ASN A 304 -14.93 18.69 -3.24
C ASN A 304 -15.63 18.39 -4.56
N ARG A 305 -16.65 19.16 -4.94
CA ARG A 305 -17.45 18.75 -6.09
C ARG A 305 -16.63 18.70 -7.38
N HIS A 306 -15.62 19.55 -7.49
CA HIS A 306 -14.81 19.60 -8.70
C HIS A 306 -13.87 18.40 -8.84
N LEU A 307 -13.76 17.59 -7.80
CA LEU A 307 -12.91 16.40 -7.83
C LEU A 307 -13.68 15.12 -8.07
N VAL A 308 -15.01 15.20 -8.00
CA VAL A 308 -15.86 14.04 -8.04
C VAL A 308 -16.60 14.02 -9.37
N SER A 309 -16.65 12.86 -9.97
CA SER A 309 -17.32 12.63 -11.24
C SER A 309 -18.04 11.29 -11.15
N PRO A 310 -18.96 10.99 -12.07
CA PRO A 310 -19.57 9.65 -12.04
C PRO A 310 -18.54 8.56 -12.16
N GLU A 311 -17.51 8.78 -12.98
CA GLU A 311 -16.49 7.76 -13.17
C GLU A 311 -15.67 7.56 -11.90
N ALA A 312 -15.38 8.63 -11.16
CA ALA A 312 -14.65 8.47 -9.92
C ALA A 312 -15.45 7.64 -8.94
N LEU A 313 -16.75 7.91 -8.83
CA LEU A 313 -17.58 7.18 -7.88
C LEU A 313 -17.76 5.74 -8.29
N ASP A 314 -17.88 5.47 -9.59
CA ASP A 314 -17.99 4.08 -10.04
C ASP A 314 -16.75 3.30 -9.71
N LEU A 315 -15.58 3.90 -9.94
CA LEU A 315 -14.33 3.25 -9.57
C LEU A 315 -14.26 3.04 -8.07
N LEU A 316 -14.55 4.06 -7.28
CA LEU A 316 -14.42 3.94 -5.84
C LEU A 316 -15.33 2.85 -5.32
N ASP A 317 -16.53 2.79 -5.85
CA ASP A 317 -17.51 1.80 -5.42
C ASP A 317 -17.03 0.39 -5.66
N LYS A 318 -16.15 0.18 -6.64
CA LYS A 318 -15.62 -1.11 -7.01
C LYS A 318 -14.33 -1.45 -6.29
N LEU A 319 -13.76 -0.52 -5.54
CA LEU A 319 -12.59 -0.73 -4.69
C LEU A 319 -12.97 -0.92 -3.24
N LEU A 320 -13.83 -0.05 -2.73
CA LEU A 320 -14.24 -0.10 -1.31
C LEU A 320 -15.45 -1.00 -1.20
N ARG A 321 -15.18 -2.29 -1.32
CA ARG A 321 -16.14 -3.37 -1.15
C ARG A 321 -15.65 -4.27 -0.05
N TYR A 322 -16.57 -4.78 0.77
CA TYR A 322 -16.17 -5.75 1.77
C TYR A 322 -15.51 -6.94 1.13
N ASP A 323 -16.15 -7.48 0.10
CA ASP A 323 -15.73 -8.74 -0.50
C ASP A 323 -14.43 -8.54 -1.28
N HIS A 324 -13.34 -8.99 -0.67
CA HIS A 324 -12.03 -8.77 -1.25
C HIS A 324 -11.93 -9.36 -2.64
N GLN A 325 -12.63 -10.49 -2.90
N GLN A 325 -12.63 -10.45 -2.89
CA GLN A 325 -12.59 -11.12 -4.21
CA GLN A 325 -12.53 -11.11 -4.18
C GLN A 325 -13.25 -10.27 -5.28
C GLN A 325 -13.40 -10.45 -5.25
N GLN A 326 -14.17 -9.43 -4.89
CA GLN A 326 -14.92 -8.65 -5.84
C GLN A 326 -14.32 -7.28 -6.08
N ARG A 327 -13.33 -6.87 -5.30
CA ARG A 327 -12.66 -5.61 -5.58
C ARG A 327 -11.95 -5.70 -6.92
N LEU A 328 -11.82 -4.59 -7.61
CA LEU A 328 -11.01 -4.55 -8.82
C LEU A 328 -9.57 -4.94 -8.49
N THR A 329 -8.95 -5.64 -9.42
CA THR A 329 -7.50 -5.78 -9.40
C THR A 329 -6.86 -4.46 -9.75
N ALA A 330 -5.55 -4.34 -9.51
CA ALA A 330 -4.89 -3.10 -9.92
C ALA A 330 -5.04 -2.86 -11.41
N LYS A 331 -4.89 -3.92 -12.20
CA LYS A 331 -5.04 -3.79 -13.64
C LYS A 331 -6.46 -3.37 -14.02
N GLU A 332 -7.47 -4.03 -13.47
CA GLU A 332 -8.85 -3.64 -13.77
C GLU A 332 -9.11 -2.19 -13.39
N ALA A 333 -8.53 -1.74 -12.28
CA ALA A 333 -8.67 -0.33 -11.90
C ALA A 333 -8.02 0.57 -12.95
N MET A 334 -6.80 0.21 -13.38
N MET A 334 -6.80 0.21 -13.39
CA MET A 334 -6.13 1.00 -14.41
CA MET A 334 -6.14 1.02 -14.41
C MET A 334 -6.98 1.13 -15.67
C MET A 334 -6.88 1.04 -15.74
N GLU A 335 -7.67 0.06 -16.02
N GLU A 335 -7.72 0.05 -15.98
CA GLU A 335 -8.47 0.04 -17.24
CA GLU A 335 -8.51 -0.05 -17.18
C GLU A 335 -9.75 0.86 -17.14
C GLU A 335 -9.82 0.71 -17.09
N HIS A 336 -10.13 1.29 -15.93
CA HIS A 336 -11.38 1.96 -15.74
C HIS A 336 -11.40 3.28 -16.50
N PRO A 337 -12.58 3.66 -17.02
CA PRO A 337 -12.71 4.95 -17.71
C PRO A 337 -12.22 6.17 -16.94
N TYR A 338 -12.25 6.15 -15.61
CA TYR A 338 -11.73 7.27 -14.83
C TYR A 338 -10.33 7.66 -15.27
N PHE A 339 -9.54 6.70 -15.70
CA PHE A 339 -8.17 6.96 -16.09
C PHE A 339 -7.98 7.26 -17.57
N TYR A 340 -9.03 7.20 -18.38
CA TYR A 340 -8.87 7.47 -19.79
C TYR A 340 -8.19 8.81 -20.07
N PRO A 341 -8.50 9.90 -19.37
CA PRO A 341 -7.77 11.15 -19.61
C PRO A 341 -6.27 11.06 -19.37
N VAL A 342 -5.84 10.24 -18.40
CA VAL A 342 -4.42 10.06 -18.13
C VAL A 342 -3.78 9.25 -19.24
N VAL A 343 -4.44 8.16 -19.64
CA VAL A 343 -3.92 7.31 -20.72
C VAL A 343 -3.73 8.14 -21.96
N LYS A 344 -4.72 8.97 -22.28
CA LYS A 344 -4.63 9.82 -23.46
C LYS A 344 -3.41 10.73 -23.39
N GLU A 345 -3.15 11.34 -22.23
CA GLU A 345 -2.03 12.26 -22.11
C GLU A 345 -0.70 11.52 -22.21
N GLN A 346 -0.64 10.29 -21.68
CA GLN A 346 0.59 9.50 -21.75
C GLN A 346 0.83 8.93 -23.13
N SER A 347 -0.20 8.85 -23.97
CA SER A 347 -0.07 8.34 -25.33
C SER A 347 0.20 9.49 -26.30
#